data_2EJQ
#
_entry.id   2EJQ
#
_cell.length_a   46.509
_cell.length_b   63.281
_cell.length_c   98.047
_cell.angle_alpha   90.000
_cell.angle_beta   90.000
_cell.angle_gamma   90.000
#
_symmetry.space_group_name_H-M   'P 21 21 21'
#
loop_
_entity.id
_entity.type
_entity.pdbx_description
1 polymer 'Hypothetical protein TTHA0227'
2 non-polymer 'MAGNESIUM ION'
3 water water
#
_entity_poly.entity_id   1
_entity_poly.type   'polypeptide(L)'
_entity_poly.pdbx_seq_one_letter_code
;MTYEAFVELVERLWEEVPEDFKRGLQGVHVFPEAKPEPGLEGVWRLGEYLDPGPPSAFGGFEDLGRHIALYYGSFLEVAG
EGFDWEAEVWETMLHELRHHLESLAGRDDLVQEDLRRLDAFRRGGPSGEG
;
_entity_poly.pdbx_strand_id   A,B
#
loop_
_chem_comp.id
_chem_comp.type
_chem_comp.name
_chem_comp.formula
MG non-polymer 'MAGNESIUM ION' 'Mg 2'
#
# COMPACT_ATOMS: atom_id res chain seq x y z
N THR A 2 25.91 -5.75 -1.88
CA THR A 2 26.12 -7.17 -2.29
C THR A 2 24.79 -7.88 -2.19
N TYR A 3 24.67 -9.01 -2.87
CA TYR A 3 23.44 -9.78 -2.86
C TYR A 3 23.10 -10.31 -1.47
N GLU A 4 24.14 -10.70 -0.74
CA GLU A 4 24.00 -11.24 0.61
C GLU A 4 23.39 -10.18 1.50
N ALA A 5 23.91 -8.97 1.38
CA ALA A 5 23.43 -7.86 2.18
C ALA A 5 21.99 -7.51 1.82
N PHE A 6 21.65 -7.67 0.54
CA PHE A 6 20.31 -7.38 0.06
C PHE A 6 19.32 -8.37 0.69
N VAL A 7 19.67 -9.65 0.65
CA VAL A 7 18.83 -10.71 1.21
C VAL A 7 18.57 -10.43 2.68
N GLU A 8 19.64 -10.07 3.39
CA GLU A 8 19.59 -9.74 4.81
C GLU A 8 18.69 -8.54 5.10
N LEU A 9 18.69 -7.57 4.20
CA LEU A 9 17.86 -6.38 4.39
C LEU A 9 16.39 -6.76 4.21
N VAL A 10 16.13 -7.57 3.20
CA VAL A 10 14.77 -8.03 2.90
C VAL A 10 14.16 -8.77 4.09
N GLU A 11 14.92 -9.68 4.67
CA GLU A 11 14.46 -10.47 5.80
C GLU A 11 14.23 -9.61 7.04
N ARG A 12 15.11 -8.62 7.23
CA ARG A 12 15.03 -7.75 8.40
C ARG A 12 13.76 -6.88 8.29
N LEU A 13 13.48 -6.37 7.09
CA LEU A 13 12.27 -5.58 6.88
C LEU A 13 11.03 -6.48 6.90
N TRP A 14 11.15 -7.67 6.32
CA TRP A 14 10.03 -8.60 6.29
C TRP A 14 9.55 -8.96 7.69
N GLU A 15 10.50 -9.12 8.61
CA GLU A 15 10.14 -9.44 9.99
C GLU A 15 9.40 -8.31 10.70
N GLU A 16 9.55 -7.07 10.24
CA GLU A 16 8.85 -5.95 10.87
C GLU A 16 7.38 -6.01 10.54
N VAL A 17 7.07 -6.68 9.43
CA VAL A 17 5.71 -6.81 8.97
C VAL A 17 4.85 -7.70 9.87
N PRO A 18 3.75 -7.16 10.40
CA PRO A 18 2.80 -7.86 11.29
C PRO A 18 2.45 -9.24 10.79
N GLU A 19 2.61 -10.23 11.65
CA GLU A 19 2.34 -11.62 11.31
C GLU A 19 0.96 -11.89 10.66
N ASP A 20 -0.09 -11.28 11.17
CA ASP A 20 -1.42 -11.53 10.61
C ASP A 20 -1.60 -11.14 9.14
N PHE A 21 -0.74 -10.25 8.63
CA PHE A 21 -0.81 -9.83 7.23
C PHE A 21 -0.24 -10.94 6.33
N LYS A 22 0.56 -11.81 6.92
CA LYS A 22 1.20 -12.88 6.16
C LYS A 22 0.42 -14.19 6.10
N ARG A 23 -0.83 -14.16 6.58
CA ARG A 23 -1.65 -15.38 6.58
C ARG A 23 -1.88 -15.84 5.14
N GLY A 24 -1.61 -17.10 4.89
CA GLY A 24 -1.83 -17.65 3.56
C GLY A 24 -0.64 -17.48 2.66
N LEU A 25 0.35 -16.73 3.13
CA LEU A 25 1.58 -16.48 2.37
C LEU A 25 2.74 -17.29 2.94
N GLN A 26 3.38 -18.08 2.08
CA GLN A 26 4.53 -18.89 2.47
C GLN A 26 5.75 -18.03 2.78
N GLY A 27 5.99 -17.00 1.96
CA GLY A 27 7.13 -16.15 2.22
C GLY A 27 7.65 -15.39 1.01
N VAL A 28 8.76 -14.69 1.24
CA VAL A 28 9.42 -13.88 0.25
C VAL A 28 10.62 -14.62 -0.38
N HIS A 29 10.67 -14.65 -1.70
CA HIS A 29 11.77 -15.27 -2.43
C HIS A 29 12.67 -14.18 -3.03
N VAL A 30 13.98 -14.29 -2.88
CA VAL A 30 14.87 -13.29 -3.45
C VAL A 30 15.74 -13.92 -4.53
N PHE A 31 15.72 -13.33 -5.72
CA PHE A 31 16.50 -13.85 -6.83
C PHE A 31 17.54 -12.83 -7.24
N PRO A 32 18.72 -13.31 -7.69
CA PRO A 32 19.82 -12.44 -8.11
C PRO A 32 19.56 -11.79 -9.47
N GLU A 33 18.76 -12.44 -10.29
CA GLU A 33 18.51 -11.92 -11.63
C GLU A 33 17.61 -10.70 -11.69
N ALA A 34 17.67 -10.01 -12.82
CA ALA A 34 16.86 -8.84 -13.09
C ALA A 34 15.66 -9.30 -13.91
N LYS A 35 14.60 -8.51 -13.93
CA LYS A 35 13.45 -8.89 -14.72
C LYS A 35 12.85 -7.68 -15.39
N PRO A 36 13.06 -7.56 -16.72
CA PRO A 36 12.50 -6.41 -17.44
C PRO A 36 10.99 -6.52 -17.44
N GLU A 37 10.28 -5.41 -17.60
CA GLU A 37 8.83 -5.47 -17.68
C GLU A 37 8.64 -5.78 -19.16
N PRO A 38 8.09 -6.96 -19.50
CA PRO A 38 7.89 -7.32 -20.92
C PRO A 38 7.27 -6.29 -21.89
N GLY A 39 7.84 -6.20 -23.08
CA GLY A 39 7.35 -5.27 -24.10
C GLY A 39 7.69 -3.79 -23.90
N LEU A 40 7.50 -3.27 -22.69
CA LEU A 40 7.73 -1.86 -22.34
C LEU A 40 9.12 -1.52 -21.73
N GLU A 41 10.18 -1.67 -22.51
CA GLU A 41 11.57 -1.40 -22.10
C GLU A 41 12.11 -0.09 -21.52
N GLY A 42 13.04 -0.29 -20.57
CA GLY A 42 13.67 0.79 -19.85
C GLY A 42 13.13 0.71 -18.42
N VAL A 43 12.16 -0.18 -18.26
CA VAL A 43 11.48 -0.40 -16.98
C VAL A 43 11.75 -1.80 -16.44
N TRP A 44 12.13 -1.85 -15.17
CA TRP A 44 12.42 -3.12 -14.53
C TRP A 44 11.44 -3.43 -13.42
N ARG A 45 11.09 -4.70 -13.30
CA ARG A 45 10.18 -5.14 -12.25
C ARG A 45 11.00 -5.46 -11.00
N LEU A 46 10.81 -4.70 -9.93
CA LEU A 46 11.54 -4.94 -8.68
C LEU A 46 11.04 -6.19 -7.92
N GLY A 47 9.76 -6.50 -8.09
CA GLY A 47 9.18 -7.66 -7.43
C GLY A 47 7.81 -8.02 -7.98
N GLU A 48 7.23 -9.10 -7.47
CA GLU A 48 5.91 -9.50 -7.90
C GLU A 48 5.31 -10.55 -6.99
N TYR A 49 4.00 -10.71 -7.09
CA TYR A 49 3.29 -11.69 -6.30
C TYR A 49 3.11 -12.94 -7.14
N LEU A 50 3.47 -14.09 -6.59
CA LEU A 50 3.33 -15.35 -7.31
C LEU A 50 2.00 -16.00 -6.87
N ASP A 51 1.01 -15.92 -7.75
CA ASP A 51 -0.32 -16.43 -7.45
C ASP A 51 -0.62 -17.79 -8.09
N PRO A 52 -0.92 -18.81 -7.26
CA PRO A 52 -1.23 -20.16 -7.75
C PRO A 52 -2.29 -20.07 -8.87
N GLY A 53 -3.28 -19.22 -8.68
CA GLY A 53 -4.30 -19.04 -9.68
C GLY A 53 -5.45 -20.03 -9.58
N PRO A 54 -6.35 -20.03 -10.59
CA PRO A 54 -7.49 -20.94 -10.60
C PRO A 54 -7.08 -22.40 -10.76
N PRO A 55 -7.89 -23.33 -10.22
CA PRO A 55 -7.59 -24.76 -10.31
C PRO A 55 -7.65 -25.27 -11.74
N SER A 56 -7.00 -26.39 -12.02
CA SER A 56 -7.07 -26.96 -13.36
C SER A 56 -8.16 -28.03 -13.25
N ALA A 57 -8.41 -28.77 -14.33
CA ALA A 57 -9.42 -29.84 -14.32
C ALA A 57 -8.91 -30.99 -13.45
N PHE A 58 -7.59 -31.09 -13.38
CA PHE A 58 -6.92 -32.14 -12.64
C PHE A 58 -6.48 -31.78 -11.22
N GLY A 59 -6.79 -30.56 -10.79
CA GLY A 59 -6.42 -30.16 -9.45
C GLY A 59 -6.03 -28.69 -9.31
N GLY A 60 -6.10 -28.19 -8.08
CA GLY A 60 -5.73 -26.79 -7.82
C GLY A 60 -4.24 -26.67 -7.60
N PHE A 61 -3.71 -25.45 -7.53
CA PHE A 61 -2.28 -25.24 -7.35
C PHE A 61 -1.88 -24.66 -5.99
N GLU A 62 -2.78 -24.68 -5.02
CA GLU A 62 -2.43 -24.10 -3.72
C GLU A 62 -1.21 -24.73 -3.05
N ASP A 63 -0.92 -26.00 -3.38
CA ASP A 63 0.23 -26.69 -2.80
C ASP A 63 1.55 -26.00 -3.20
N LEU A 64 1.48 -25.16 -4.24
CA LEU A 64 2.65 -24.40 -4.70
C LEU A 64 2.90 -23.26 -3.72
N GLY A 65 1.85 -22.84 -3.03
CA GLY A 65 1.97 -21.76 -2.06
C GLY A 65 1.90 -20.41 -2.73
N ARG A 66 1.86 -19.37 -1.90
CA ARG A 66 1.81 -18.00 -2.39
C ARG A 66 3.10 -17.32 -1.96
N HIS A 67 3.72 -16.64 -2.90
CA HIS A 67 5.00 -15.99 -2.64
C HIS A 67 5.13 -14.59 -3.21
N ILE A 68 6.04 -13.83 -2.59
CA ILE A 68 6.39 -12.52 -3.06
C ILE A 68 7.83 -12.75 -3.59
N ALA A 69 8.10 -12.33 -4.81
CA ALA A 69 9.45 -12.50 -5.35
C ALA A 69 10.09 -11.12 -5.50
N LEU A 70 11.38 -11.05 -5.18
CA LEU A 70 12.14 -9.81 -5.32
C LEU A 70 13.29 -10.10 -6.31
N TYR A 71 13.55 -9.16 -7.20
CA TYR A 71 14.61 -9.34 -8.20
C TYR A 71 15.75 -8.37 -7.91
N TYR A 72 16.81 -8.88 -7.29
CA TYR A 72 17.97 -8.05 -6.97
C TYR A 72 18.55 -7.36 -8.19
N GLY A 73 18.61 -8.08 -9.32
CA GLY A 73 19.14 -7.48 -10.53
C GLY A 73 18.36 -6.26 -11.01
N SER A 74 17.04 -6.29 -10.82
CA SER A 74 16.22 -5.16 -11.24
C SER A 74 16.55 -3.94 -10.39
N PHE A 75 16.79 -4.15 -9.10
CA PHE A 75 17.14 -3.07 -8.18
C PHE A 75 18.45 -2.40 -8.61
N LEU A 76 19.43 -3.23 -8.98
CA LEU A 76 20.73 -2.74 -9.43
C LEU A 76 20.58 -1.90 -10.68
N GLU A 77 19.82 -2.39 -11.65
CA GLU A 77 19.61 -1.66 -12.88
C GLU A 77 19.05 -0.27 -12.64
N VAL A 78 18.05 -0.17 -11.77
CA VAL A 78 17.44 1.12 -11.47
C VAL A 78 18.22 1.96 -10.49
N ALA A 79 19.04 1.33 -9.66
CA ALA A 79 19.79 2.05 -8.65
C ALA A 79 20.83 3.02 -9.21
N GLY A 80 20.83 4.21 -8.64
CA GLY A 80 21.78 5.24 -9.04
C GLY A 80 22.28 5.91 -7.78
N GLU A 81 22.88 7.07 -7.92
CA GLU A 81 23.39 7.75 -6.73
C GLU A 81 22.27 8.04 -5.73
N GLY A 82 22.59 7.84 -4.46
CA GLY A 82 21.63 8.05 -3.39
C GLY A 82 20.47 7.07 -3.30
N PHE A 83 20.57 5.95 -4.02
CA PHE A 83 19.50 4.93 -4.01
C PHE A 83 19.16 4.49 -2.59
N ASP A 84 17.91 4.70 -2.18
CA ASP A 84 17.51 4.31 -0.82
C ASP A 84 17.09 2.84 -0.83
N TRP A 85 18.05 1.95 -0.54
CA TRP A 85 17.77 0.52 -0.53
C TRP A 85 16.62 0.11 0.37
N GLU A 86 16.65 0.62 1.60
CA GLU A 86 15.62 0.31 2.58
C GLU A 86 14.25 0.79 2.13
N ALA A 87 14.19 2.03 1.64
CA ALA A 87 12.92 2.58 1.21
C ALA A 87 12.36 1.82 0.03
N GLU A 88 13.22 1.44 -0.91
CA GLU A 88 12.80 0.71 -2.10
C GLU A 88 12.33 -0.73 -1.82
N VAL A 89 13.03 -1.44 -0.94
CA VAL A 89 12.64 -2.80 -0.59
C VAL A 89 11.31 -2.77 0.20
N TRP A 90 11.23 -1.86 1.15
CA TRP A 90 10.05 -1.69 1.97
C TRP A 90 8.81 -1.57 1.09
N GLU A 91 8.84 -0.59 0.21
CA GLU A 91 7.75 -0.30 -0.71
C GLU A 91 7.39 -1.48 -1.62
N THR A 92 8.40 -2.13 -2.20
CA THR A 92 8.16 -3.26 -3.10
C THR A 92 7.51 -4.45 -2.37
N MET A 93 8.02 -4.79 -1.20
CA MET A 93 7.45 -5.88 -0.44
C MET A 93 6.01 -5.66 -0.03
N LEU A 94 5.77 -4.52 0.59
CA LEU A 94 4.44 -4.19 1.06
C LEU A 94 3.44 -4.03 -0.07
N HIS A 95 3.91 -3.63 -1.24
CA HIS A 95 3.02 -3.49 -2.39
C HIS A 95 2.57 -4.87 -2.84
N GLU A 96 3.50 -5.83 -2.87
CA GLU A 96 3.13 -7.19 -3.27
C GLU A 96 2.30 -7.84 -2.17
N LEU A 97 2.57 -7.48 -0.91
CA LEU A 97 1.81 -8.04 0.18
C LEU A 97 0.35 -7.58 0.00
N ARG A 98 0.18 -6.38 -0.55
CA ARG A 98 -1.15 -5.86 -0.80
C ARG A 98 -1.86 -6.75 -1.83
N HIS A 99 -1.12 -7.19 -2.84
CA HIS A 99 -1.69 -8.08 -3.85
C HIS A 99 -2.10 -9.41 -3.25
N HIS A 100 -1.36 -9.87 -2.25
CA HIS A 100 -1.65 -11.12 -1.58
C HIS A 100 -2.98 -11.02 -0.87
N LEU A 101 -3.17 -9.93 -0.13
CA LEU A 101 -4.41 -9.73 0.60
C LEU A 101 -5.59 -9.65 -0.36
N GLU A 102 -5.40 -8.94 -1.48
CA GLU A 102 -6.48 -8.82 -2.46
C GLU A 102 -6.78 -10.14 -3.14
N SER A 103 -5.76 -10.97 -3.30
CA SER A 103 -5.93 -12.28 -3.92
C SER A 103 -6.70 -13.25 -2.99
N LEU A 104 -6.48 -13.12 -1.68
CA LEU A 104 -7.16 -13.98 -0.72
C LEU A 104 -8.62 -13.59 -0.61
N ALA A 105 -8.88 -12.29 -0.51
CA ALA A 105 -10.23 -11.78 -0.39
C ALA A 105 -11.04 -12.19 -1.61
N GLY A 106 -10.35 -12.39 -2.73
CA GLY A 106 -11.01 -12.78 -3.96
C GLY A 106 -11.30 -14.26 -4.17
N ARG A 107 -11.08 -15.08 -3.14
CA ARG A 107 -11.34 -16.52 -3.20
C ARG A 107 -12.13 -16.89 -1.94
N ASP A 108 -12.36 -15.86 -1.12
CA ASP A 108 -13.05 -16.00 0.15
C ASP A 108 -14.41 -15.32 0.16
N THR B 2 0.47 24.71 8.53
CA THR B 2 -0.59 25.05 9.53
C THR B 2 -1.86 24.27 9.22
N TYR B 3 -2.70 24.10 10.23
CA TYR B 3 -3.94 23.36 10.05
C TYR B 3 -4.86 23.99 9.01
N GLU B 4 -4.96 25.31 9.00
CA GLU B 4 -5.81 25.99 8.03
C GLU B 4 -5.31 25.80 6.61
N ALA B 5 -3.99 25.88 6.42
CA ALA B 5 -3.41 25.71 5.10
C ALA B 5 -3.66 24.28 4.63
N PHE B 6 -3.72 23.36 5.59
CA PHE B 6 -3.97 21.96 5.29
C PHE B 6 -5.38 21.87 4.73
N VAL B 7 -6.34 22.44 5.45
CA VAL B 7 -7.74 22.42 5.01
C VAL B 7 -7.85 22.93 3.57
N GLU B 8 -7.24 24.07 3.31
CA GLU B 8 -7.26 24.68 1.99
C GLU B 8 -6.56 23.83 0.93
N LEU B 9 -5.55 23.06 1.33
CA LEU B 9 -4.86 22.20 0.35
C LEU B 9 -5.79 21.04 0.00
N VAL B 10 -6.33 20.40 1.04
CA VAL B 10 -7.24 19.27 0.89
C VAL B 10 -8.41 19.62 -0.02
N GLU B 11 -9.13 20.68 0.32
CA GLU B 11 -10.28 21.09 -0.47
C GLU B 11 -9.88 21.51 -1.87
N ARG B 12 -8.65 21.98 -2.03
CA ARG B 12 -8.18 22.42 -3.34
C ARG B 12 -7.93 21.23 -4.27
N LEU B 13 -7.37 20.16 -3.74
CA LEU B 13 -7.11 18.97 -4.53
C LEU B 13 -8.41 18.22 -4.84
N TRP B 14 -9.34 18.22 -3.89
CA TRP B 14 -10.61 17.54 -4.08
C TRP B 14 -11.42 18.07 -5.25
N GLU B 15 -11.44 19.38 -5.45
CA GLU B 15 -12.19 19.93 -6.58
C GLU B 15 -11.60 19.51 -7.91
N GLU B 16 -10.33 19.12 -7.92
CA GLU B 16 -9.68 18.68 -9.15
C GLU B 16 -9.94 17.19 -9.41
N VAL B 17 -10.82 16.60 -8.61
CA VAL B 17 -11.18 15.20 -8.75
C VAL B 17 -12.55 15.19 -9.44
N PRO B 18 -12.63 14.67 -10.66
CA PRO B 18 -13.88 14.59 -11.44
C PRO B 18 -15.05 14.08 -10.60
N GLU B 19 -16.17 14.81 -10.62
CA GLU B 19 -17.36 14.42 -9.86
C GLU B 19 -17.75 12.99 -10.24
N ASP B 20 -17.50 12.65 -11.49
CA ASP B 20 -17.82 11.32 -11.98
C ASP B 20 -17.01 10.27 -11.20
N PHE B 21 -15.77 10.61 -10.84
CA PHE B 21 -14.89 9.71 -10.10
C PHE B 21 -15.29 9.63 -8.63
N LYS B 22 -16.05 10.61 -8.16
CA LYS B 22 -16.49 10.65 -6.77
C LYS B 22 -17.58 9.66 -6.42
N ARG B 23 -18.29 9.22 -7.46
CA ARG B 23 -19.34 8.23 -7.34
C ARG B 23 -20.11 8.27 -6.03
N GLY B 24 -20.61 9.43 -5.64
CA GLY B 24 -21.38 9.49 -4.42
C GLY B 24 -20.76 10.16 -3.20
N LEU B 25 -19.44 10.23 -3.13
CA LEU B 25 -18.81 10.89 -1.99
C LEU B 25 -19.27 12.36 -2.06
N GLN B 26 -19.74 12.90 -0.93
CA GLN B 26 -20.26 14.27 -0.90
C GLN B 26 -19.27 15.38 -0.54
N GLY B 27 -18.16 15.04 0.09
CA GLY B 27 -17.20 16.06 0.45
C GLY B 27 -16.20 15.58 1.48
N VAL B 28 -15.14 16.35 1.66
CA VAL B 28 -14.10 16.00 2.60
C VAL B 28 -14.11 16.83 3.87
N HIS B 29 -13.87 16.17 4.99
CA HIS B 29 -13.81 16.81 6.30
C HIS B 29 -12.38 16.66 6.77
N VAL B 30 -11.86 17.68 7.44
CA VAL B 30 -10.51 17.61 7.95
C VAL B 30 -10.56 17.75 9.46
N PHE B 31 -9.89 16.84 10.15
CA PHE B 31 -9.84 16.85 11.59
C PHE B 31 -8.45 17.27 12.03
N PRO B 32 -8.37 18.12 13.06
CA PRO B 32 -7.06 18.56 13.54
C PRO B 32 -6.40 17.44 14.34
N GLU B 33 -7.22 16.55 14.89
CA GLU B 33 -6.69 15.44 15.67
C GLU B 33 -5.91 14.48 14.78
N ALA B 34 -5.13 13.64 15.45
CA ALA B 34 -4.37 12.59 14.79
C ALA B 34 -5.29 11.41 15.07
N LYS B 35 -5.05 10.28 14.39
CA LYS B 35 -5.87 9.11 14.66
C LYS B 35 -5.02 7.86 14.50
N PRO B 36 -4.78 7.13 15.60
CA PRO B 36 -3.98 5.91 15.54
C PRO B 36 -4.66 4.86 14.70
N GLU B 37 -3.88 4.07 13.97
CA GLU B 37 -4.46 3.02 13.14
C GLU B 37 -4.81 1.87 14.06
N PRO B 38 -6.11 1.56 14.16
CA PRO B 38 -6.47 0.44 15.03
C PRO B 38 -5.87 -0.87 14.54
N GLY B 39 -5.25 -1.59 15.47
CA GLY B 39 -4.64 -2.86 15.13
C GLY B 39 -3.12 -2.84 15.26
N LEU B 40 -2.52 -1.65 15.18
CA LEU B 40 -1.06 -1.53 15.27
C LEU B 40 -0.65 -0.47 16.28
N GLU B 41 0.65 -0.42 16.58
CA GLU B 41 1.20 0.56 17.53
C GLU B 41 2.25 1.46 16.91
N GLY B 42 2.10 2.76 17.15
CA GLY B 42 3.04 3.73 16.60
C GLY B 42 2.79 3.99 15.13
N VAL B 43 1.59 3.64 14.67
CA VAL B 43 1.20 3.83 13.26
C VAL B 43 -0.08 4.66 13.23
N TRP B 44 -0.09 5.66 12.35
CA TRP B 44 -1.23 6.58 12.26
C TRP B 44 -2.07 6.43 11.01
N ARG B 45 -3.38 6.66 11.18
CA ARG B 45 -4.32 6.61 10.08
C ARG B 45 -4.44 8.01 9.50
N LEU B 46 -4.06 8.14 8.23
CA LEU B 46 -4.10 9.43 7.55
C LEU B 46 -5.48 9.83 7.08
N GLY B 47 -6.24 8.86 6.57
CA GLY B 47 -7.57 9.12 6.07
C GLY B 47 -8.46 7.90 6.10
N GLU B 48 -9.72 8.09 5.74
CA GLU B 48 -10.75 7.04 5.72
C GLU B 48 -12.03 7.74 5.28
N TYR B 49 -13.10 6.99 5.12
CA TYR B 49 -14.33 7.65 4.76
C TYR B 49 -15.40 7.37 5.82
N LEU B 50 -16.40 8.26 5.90
CA LEU B 50 -17.44 8.15 6.93
C LEU B 50 -18.92 7.96 6.54
N ASP B 51 -19.53 7.07 7.31
CA ASP B 51 -20.93 6.61 7.28
C ASP B 51 -21.68 6.00 6.10
N PRO B 52 -21.33 4.75 5.77
CA PRO B 52 -21.93 3.95 4.68
C PRO B 52 -22.64 2.60 5.03
N GLY B 53 -22.35 1.98 6.18
CA GLY B 53 -23.00 0.70 6.54
C GLY B 53 -22.22 0.22 7.76
N GLY B 65 -19.39 5.25 1.91
CA GLY B 65 -19.25 6.30 2.91
C GLY B 65 -19.43 7.65 2.27
N ARG B 66 -20.52 8.33 2.59
CA ARG B 66 -20.80 9.62 1.99
C ARG B 66 -19.69 10.68 2.07
N HIS B 67 -19.02 10.84 3.20
CA HIS B 67 -17.96 11.86 3.33
C HIS B 67 -16.58 11.26 3.70
N ILE B 68 -15.50 11.80 3.13
CA ILE B 68 -14.14 11.34 3.44
C ILE B 68 -13.56 12.20 4.57
N ALA B 69 -12.69 11.62 5.39
CA ALA B 69 -12.09 12.38 6.47
C ALA B 69 -10.57 12.24 6.42
N LEU B 70 -9.87 13.33 6.70
CA LEU B 70 -8.41 13.34 6.75
C LEU B 70 -8.04 13.85 8.13
N TYR B 71 -6.99 13.27 8.72
CA TYR B 71 -6.53 13.66 10.05
C TYR B 71 -5.20 14.39 10.04
N TYR B 72 -5.29 15.71 10.14
CA TYR B 72 -4.12 16.56 10.14
C TYR B 72 -3.03 16.06 11.09
N GLY B 73 -3.39 15.81 12.35
CA GLY B 73 -2.43 15.33 13.33
C GLY B 73 -1.71 14.06 12.86
N SER B 74 -2.38 13.26 12.04
CA SER B 74 -1.74 12.05 11.51
C SER B 74 -0.65 12.41 10.50
N PHE B 75 -0.92 13.41 9.66
CA PHE B 75 0.04 13.88 8.65
C PHE B 75 1.27 14.45 9.35
N LEU B 76 1.03 15.23 10.40
CA LEU B 76 2.12 15.81 11.19
C LEU B 76 2.98 14.72 11.83
N GLU B 77 2.35 13.73 12.46
CA GLU B 77 3.12 12.66 13.11
C GLU B 77 4.01 11.95 12.11
N VAL B 78 3.47 11.69 10.94
CA VAL B 78 4.17 11.02 9.86
C VAL B 78 5.19 11.93 9.15
N ALA B 79 4.81 13.18 8.91
CA ALA B 79 5.68 14.12 8.21
C ALA B 79 7.09 14.28 8.80
N GLY B 80 8.07 14.35 7.90
CA GLY B 80 9.46 14.54 8.29
C GLY B 80 10.05 15.50 7.28
N GLU B 81 11.38 15.61 7.23
CA GLU B 81 12.01 16.50 6.27
C GLU B 81 11.61 16.13 4.84
N GLY B 82 11.32 17.14 4.02
CA GLY B 82 10.95 16.89 2.64
C GLY B 82 9.54 16.35 2.38
N PHE B 83 8.72 16.28 3.42
CA PHE B 83 7.36 15.77 3.28
C PHE B 83 6.60 16.53 2.18
N ASP B 84 6.18 15.83 1.14
CA ASP B 84 5.45 16.45 0.04
C ASP B 84 3.96 16.50 0.37
N TRP B 85 3.52 17.56 1.05
CA TRP B 85 2.12 17.70 1.42
C TRP B 85 1.13 17.43 0.30
N GLU B 86 1.36 18.06 -0.86
CA GLU B 86 0.48 17.91 -2.01
C GLU B 86 0.37 16.45 -2.46
N ALA B 87 1.50 15.77 -2.60
CA ALA B 87 1.51 14.37 -3.02
C ALA B 87 0.95 13.43 -1.95
N GLU B 88 1.23 13.73 -0.68
CA GLU B 88 0.75 12.87 0.40
C GLU B 88 -0.76 12.95 0.55
N VAL B 89 -1.33 14.14 0.38
CA VAL B 89 -2.77 14.29 0.48
C VAL B 89 -3.44 13.65 -0.74
N TRP B 90 -2.91 13.96 -1.93
CA TRP B 90 -3.46 13.42 -3.17
C TRP B 90 -3.54 11.90 -3.10
N GLU B 91 -2.48 11.26 -2.60
CA GLU B 91 -2.47 9.81 -2.49
C GLU B 91 -3.54 9.33 -1.51
N THR B 92 -3.67 10.03 -0.37
CA THR B 92 -4.65 9.65 0.64
C THR B 92 -6.06 9.68 0.06
N MET B 93 -6.29 10.65 -0.81
CA MET B 93 -7.60 10.79 -1.41
C MET B 93 -7.88 9.80 -2.52
N LEU B 94 -6.86 9.47 -3.31
CA LEU B 94 -7.08 8.51 -4.37
C LEU B 94 -7.37 7.15 -3.69
N HIS B 95 -6.65 6.87 -2.61
CA HIS B 95 -6.89 5.61 -1.91
C HIS B 95 -8.34 5.54 -1.43
N GLU B 96 -8.88 6.65 -0.95
CA GLU B 96 -10.27 6.67 -0.48
C GLU B 96 -11.25 6.51 -1.64
N LEU B 97 -10.93 7.11 -2.78
CA LEU B 97 -11.78 6.99 -3.95
C LEU B 97 -11.82 5.52 -4.37
N ARG B 98 -10.69 4.84 -4.23
CA ARG B 98 -10.60 3.44 -4.61
C ARG B 98 -11.36 2.55 -3.63
N HIS B 99 -11.15 2.74 -2.33
CA HIS B 99 -11.87 1.94 -1.34
C HIS B 99 -13.37 2.09 -1.57
N HIS B 100 -13.80 3.31 -1.86
CA HIS B 100 -15.22 3.57 -2.10
C HIS B 100 -15.70 2.72 -3.28
N LEU B 101 -15.02 2.82 -4.42
CA LEU B 101 -15.43 2.06 -5.58
C LEU B 101 -15.48 0.56 -5.28
N GLU B 102 -14.46 0.05 -4.59
CA GLU B 102 -14.41 -1.37 -4.25
C GLU B 102 -15.60 -1.78 -3.38
N SER B 103 -15.98 -0.93 -2.43
CA SER B 103 -17.11 -1.29 -1.57
C SER B 103 -18.39 -1.25 -2.39
N LEU B 104 -18.47 -0.31 -3.33
CA LEU B 104 -19.66 -0.23 -4.16
C LEU B 104 -19.74 -1.48 -5.04
N ALA B 105 -18.58 -2.11 -5.25
CA ALA B 105 -18.51 -3.31 -6.07
C ALA B 105 -18.68 -4.60 -5.27
N GLY B 106 -18.98 -4.48 -3.98
CA GLY B 106 -19.19 -5.65 -3.14
C GLY B 106 -18.06 -6.09 -2.22
N ARG B 107 -16.95 -5.38 -2.17
CA ARG B 107 -15.88 -5.81 -1.28
C ARG B 107 -16.33 -5.83 0.18
N ASP B 108 -15.86 -6.86 0.91
CA ASP B 108 -16.15 -7.05 2.32
C ASP B 108 -15.47 -5.96 3.14
N ASP B 109 -16.18 -5.44 4.14
CA ASP B 109 -15.62 -4.40 5.00
C ASP B 109 -14.35 -4.86 5.69
N LEU B 110 -14.33 -6.12 6.14
CA LEU B 110 -13.16 -6.68 6.81
C LEU B 110 -11.96 -6.64 5.89
N VAL B 111 -12.18 -6.92 4.61
CA VAL B 111 -11.09 -6.88 3.66
C VAL B 111 -10.56 -5.45 3.61
N GLN B 112 -11.46 -4.50 3.40
CA GLN B 112 -11.10 -3.09 3.33
C GLN B 112 -10.26 -2.66 4.53
N GLU B 113 -10.73 -2.99 5.73
CA GLU B 113 -10.00 -2.63 6.95
C GLU B 113 -8.59 -3.23 6.96
N ASP B 114 -8.45 -4.48 6.54
CA ASP B 114 -7.13 -5.11 6.50
C ASP B 114 -6.20 -4.29 5.61
N LEU B 115 -6.71 -3.92 4.44
CA LEU B 115 -5.95 -3.13 3.48
C LEU B 115 -5.59 -1.77 4.05
N ARG B 116 -6.55 -1.12 4.73
CA ARG B 116 -6.32 0.20 5.32
C ARG B 116 -5.18 0.10 6.31
N ARG B 117 -5.21 -0.97 7.10
CA ARG B 117 -4.17 -1.23 8.08
C ARG B 117 -2.82 -1.39 7.40
N LEU B 118 -2.80 -2.16 6.31
CA LEU B 118 -1.55 -2.38 5.57
C LEU B 118 -1.02 -1.06 5.03
N ASP B 119 -1.90 -0.33 4.35
CA ASP B 119 -1.55 0.94 3.78
C ASP B 119 -0.99 1.91 4.82
N ALA B 120 -1.63 2.00 5.98
CA ALA B 120 -1.15 2.91 7.02
C ALA B 120 0.21 2.44 7.52
N PHE B 121 0.33 1.13 7.68
CA PHE B 121 1.59 0.54 8.12
C PHE B 121 2.69 0.85 7.09
N ARG B 122 2.36 0.66 5.81
CA ARG B 122 3.33 0.93 4.75
C ARG B 122 3.74 2.41 4.76
N ARG B 123 2.75 3.30 4.87
CA ARG B 123 3.04 4.72 4.89
C ARG B 123 3.78 5.16 6.16
N GLY B 124 3.70 4.37 7.22
CA GLY B 124 4.40 4.71 8.45
C GLY B 124 5.90 4.58 8.24
N GLY B 125 6.27 3.74 7.28
CA GLY B 125 7.67 3.50 6.97
C GLY B 125 8.38 2.54 7.90
N PRO B 126 9.57 2.04 7.51
CA PRO B 126 10.34 1.11 8.34
C PRO B 126 10.54 1.68 9.74
N SER B 127 10.81 0.80 10.72
CA SER B 127 11.02 1.19 12.11
C SER B 127 11.44 2.66 12.28
MG MG C . 6.31 15.07 12.20
#